data_1JP5
#
_entry.id   1JP5
#
_cell.length_a   45.490
_cell.length_b   57.060
_cell.length_c   91.040
_cell.angle_alpha   90.00
_cell.angle_beta   97.07
_cell.angle_gamma   90.00
#
_symmetry.space_group_name_H-M   'P 1 21 1'
#
loop_
_entity.id
_entity.type
_entity.pdbx_description
1 polymer 'single-chain Fv fragment 1696'
2 polymer 'epitope peptide corresponding to N-terminus of HIV-1 protease'
3 water water
#
loop_
_entity_poly.entity_id
_entity_poly.type
_entity_poly.pdbx_seq_one_letter_code
_entity_poly.pdbx_strand_id
1 'polypeptide(L)'
;DILMTQTPLYLPVSLGDQASISCRSSQTIVHNNGNTYLEWYLQKPGQSPQLLIYKVSNRFSGVPDRFSGSGSGTDFTLKI
SRVEAEDLGIYYCFQGSHFPPTFGGGTKLEIKGGGGSGGGGSGGGGSEVQLQQSGPELKKPGETVKISCKATNYAFTDYS
MHWVKQAPGGDLKYVGWINTETDEPTFADDFKGRFAFSLDTSTSTAFLQINNLKNEDTATYFCVRDRHDYGEIFTYWGQG
TTVTVSS
;
A,B
2 'polypeptide(L)' PQITLWQRR C,D
#
# COMPACT_ATOMS: atom_id res chain seq x y z
N ASP A 1 -7.84 -3.86 -11.41
CA ASP A 1 -7.14 -2.55 -11.35
C ASP A 1 -6.31 -2.10 -12.56
N ILE A 2 -5.07 -2.57 -12.70
CA ILE A 2 -4.21 -2.13 -13.80
C ILE A 2 -4.67 -2.59 -15.17
N LEU A 3 -5.06 -1.63 -16.00
CA LEU A 3 -5.55 -1.94 -17.33
C LEU A 3 -4.44 -2.09 -18.33
N MET A 4 -4.43 -3.20 -19.05
CA MET A 4 -3.43 -3.44 -20.09
C MET A 4 -4.12 -3.24 -21.42
N THR A 5 -3.69 -2.22 -22.16
CA THR A 5 -4.26 -1.90 -23.46
C THR A 5 -3.32 -2.31 -24.59
N GLN A 6 -3.78 -3.15 -25.50
CA GLN A 6 -2.95 -3.59 -26.62
C GLN A 6 -3.27 -2.87 -27.91
N THR A 7 -2.27 -2.75 -28.79
CA THR A 7 -2.40 -2.06 -30.07
C THR A 7 -1.62 -2.86 -31.10
N PRO A 8 -2.27 -3.26 -32.19
CA PRO A 8 -3.67 -3.03 -32.55
C PRO A 8 -4.56 -4.22 -32.15
N LEU A 9 -5.82 -4.14 -32.54
CA LEU A 9 -6.77 -5.21 -32.25
C LEU A 9 -6.42 -6.32 -33.24
N TYR A 10 -6.20 -5.93 -34.49
CA TYR A 10 -5.84 -6.86 -35.56
C TYR A 10 -4.53 -6.48 -36.21
N LEU A 11 -3.75 -7.48 -36.61
CA LEU A 11 -2.49 -7.22 -37.27
C LEU A 11 -2.32 -8.14 -38.47
N PRO A 12 -2.65 -7.66 -39.67
CA PRO A 12 -2.50 -8.47 -40.88
C PRO A 12 -1.10 -8.31 -41.44
N VAL A 13 -0.42 -9.43 -41.65
CA VAL A 13 0.91 -9.39 -42.19
C VAL A 13 0.99 -10.48 -43.22
N SER A 14 2.13 -10.53 -43.88
CA SER A 14 2.39 -11.54 -44.89
C SER A 14 3.55 -12.32 -44.31
N LEU A 15 3.50 -13.65 -44.41
CA LEU A 15 4.60 -14.44 -43.88
C LEU A 15 5.90 -13.71 -44.27
N GLY A 16 6.72 -13.36 -43.29
CA GLY A 16 7.98 -12.70 -43.60
C GLY A 16 8.11 -11.25 -43.17
N ASP A 17 6.99 -10.59 -42.89
CA ASP A 17 7.03 -9.20 -42.46
C ASP A 17 7.43 -9.05 -40.99
N GLN A 18 7.71 -7.81 -40.61
CA GLN A 18 8.06 -7.48 -39.24
C GLN A 18 6.72 -7.18 -38.55
N ALA A 19 6.60 -7.59 -37.29
CA ALA A 19 5.37 -7.34 -36.57
C ALA A 19 5.70 -6.68 -35.25
N SER A 20 4.86 -5.72 -34.83
CA SER A 20 5.05 -5.01 -33.57
C SER A 20 3.72 -4.86 -32.90
N ILE A 21 3.66 -5.23 -31.63
CA ILE A 21 2.44 -5.13 -30.85
C ILE A 21 2.76 -4.39 -29.57
N SER A 22 2.05 -3.30 -29.32
CA SER A 22 2.28 -2.53 -28.12
C SER A 22 1.23 -2.82 -27.07
N CYS A 23 1.54 -2.43 -25.85
CA CYS A 23 0.68 -2.66 -24.72
C CYS A 23 1.00 -1.58 -23.68
N ARG A 24 -0.02 -0.81 -23.29
CA ARG A 24 0.15 0.24 -22.30
C ARG A 24 -0.58 -0.14 -21.02
N SER A 25 0.08 0.10 -19.89
CA SER A 25 -0.49 -0.19 -18.59
C SER A 25 -0.86 1.09 -17.85
N SER A 26 -2.07 1.13 -17.33
CA SER A 26 -2.60 2.28 -16.62
C SER A 26 -1.75 2.72 -15.41
N GLN A 27 -0.80 1.88 -15.01
CA GLN A 27 0.07 2.19 -13.88
C GLN A 27 1.42 1.54 -14.07
N THR A 28 2.41 2.01 -13.32
CA THR A 28 3.74 1.42 -13.41
C THR A 28 3.55 -0.01 -12.97
N ILE A 29 4.35 -0.91 -13.52
CA ILE A 29 4.22 -2.32 -13.14
C ILE A 29 5.53 -2.87 -12.62
N VAL A 30 6.11 -2.14 -11.68
CA VAL A 30 7.35 -2.58 -11.07
C VAL A 30 7.01 -3.16 -9.71
N HIS A 31 7.03 -4.47 -9.62
CA HIS A 31 6.75 -5.12 -8.37
C HIS A 31 7.74 -4.52 -7.37
N ASN A 32 7.34 -4.49 -6.10
CA ASN A 32 8.17 -3.91 -5.06
C ASN A 32 9.54 -4.57 -4.94
N ASN A 33 9.71 -5.73 -5.56
CA ASN A 33 11.00 -6.40 -5.49
C ASN A 33 11.97 -5.92 -6.57
N GLY A 34 11.56 -4.92 -7.34
CA GLY A 34 12.43 -4.41 -8.38
C GLY A 34 12.28 -5.08 -9.74
N ASN A 35 11.37 -6.04 -9.84
CA ASN A 35 11.15 -6.72 -11.10
C ASN A 35 9.86 -6.29 -11.76
N THR A 36 9.93 -6.11 -13.07
CA THR A 36 8.77 -5.71 -13.84
C THR A 36 8.27 -6.98 -14.50
N TYR A 37 7.13 -7.47 -14.03
CA TYR A 37 6.56 -8.70 -14.57
C TYR A 37 5.65 -8.48 -15.76
N LEU A 38 6.20 -7.98 -16.86
CA LEU A 38 5.42 -7.81 -18.07
C LEU A 38 5.67 -9.10 -18.83
N GLU A 39 4.63 -9.66 -19.43
CA GLU A 39 4.79 -10.91 -20.15
C GLU A 39 3.93 -11.01 -21.38
N TRP A 40 4.45 -11.69 -22.39
CA TRP A 40 3.72 -11.85 -23.65
C TRP A 40 3.36 -13.30 -23.93
N TYR A 41 2.07 -13.52 -24.22
CA TYR A 41 1.52 -14.83 -24.52
C TYR A 41 0.99 -14.96 -25.96
N LEU A 42 1.15 -16.15 -26.54
CA LEU A 42 0.63 -16.43 -27.87
C LEU A 42 -0.36 -17.56 -27.68
N GLN A 43 -1.60 -17.34 -28.10
CA GLN A 43 -2.63 -18.37 -27.97
C GLN A 43 -3.22 -18.77 -29.32
N LYS A 44 -3.20 -20.06 -29.62
CA LYS A 44 -3.74 -20.55 -30.88
C LYS A 44 -5.15 -21.12 -30.63
N PRO A 45 -6.04 -21.00 -31.64
CA PRO A 45 -7.42 -21.48 -31.59
C PRO A 45 -7.62 -22.85 -30.91
N GLY A 46 -8.41 -22.85 -29.84
CA GLY A 46 -8.70 -24.07 -29.13
C GLY A 46 -7.72 -24.46 -28.03
N GLN A 47 -6.51 -23.92 -28.09
CA GLN A 47 -5.48 -24.23 -27.10
C GLN A 47 -5.43 -23.17 -26.00
N SER A 48 -4.44 -23.32 -25.11
CA SER A 48 -4.23 -22.36 -24.03
C SER A 48 -3.04 -21.46 -24.36
N PRO A 49 -2.87 -20.36 -23.62
CA PRO A 49 -1.76 -19.44 -23.87
C PRO A 49 -0.40 -20.12 -23.74
N GLN A 50 0.59 -19.54 -24.41
CA GLN A 50 1.98 -20.02 -24.40
C GLN A 50 2.82 -18.82 -23.95
N LEU A 51 3.52 -18.96 -22.83
CA LEU A 51 4.36 -17.85 -22.35
C LEU A 51 5.52 -17.68 -23.33
N LEU A 52 5.71 -16.46 -23.85
CA LEU A 52 6.78 -16.20 -24.81
C LEU A 52 7.89 -15.32 -24.24
N ILE A 53 7.49 -14.15 -23.72
CA ILE A 53 8.41 -13.19 -23.14
C ILE A 53 7.96 -12.95 -21.72
N TYR A 54 8.91 -12.83 -20.81
CA TYR A 54 8.60 -12.56 -19.41
C TYR A 54 9.64 -11.55 -18.91
N LYS A 55 9.32 -10.82 -17.84
CA LYS A 55 10.21 -9.80 -17.31
C LYS A 55 10.63 -8.88 -18.45
N VAL A 56 9.61 -8.42 -19.18
CA VAL A 56 9.76 -7.50 -20.30
C VAL A 56 10.56 -7.95 -21.52
N SER A 57 11.84 -8.23 -21.34
CA SER A 57 12.67 -8.62 -22.48
C SER A 57 13.24 -10.03 -22.47
N ASN A 58 12.70 -10.92 -21.66
CA ASN A 58 13.25 -12.28 -21.60
C ASN A 58 12.51 -13.34 -22.40
N ARG A 59 13.20 -14.02 -23.29
CA ARG A 59 12.57 -15.06 -24.09
C ARG A 59 12.44 -16.33 -23.28
N PHE A 60 11.27 -16.94 -23.35
CA PHE A 60 11.03 -18.17 -22.63
C PHE A 60 11.71 -19.33 -23.37
N SER A 61 12.10 -20.35 -22.63
CA SER A 61 12.75 -21.51 -23.23
C SER A 61 12.02 -21.95 -24.50
N GLY A 62 12.78 -22.22 -25.57
CA GLY A 62 12.18 -22.66 -26.81
C GLY A 62 11.76 -21.55 -27.76
N VAL A 63 11.49 -20.36 -27.23
CA VAL A 63 11.08 -19.22 -28.05
C VAL A 63 12.25 -18.67 -28.88
N PRO A 64 12.07 -18.60 -30.21
CA PRO A 64 13.10 -18.11 -31.13
C PRO A 64 13.40 -16.61 -31.00
N ASP A 65 14.62 -16.22 -31.33
CA ASP A 65 15.02 -14.81 -31.22
C ASP A 65 14.29 -13.89 -32.22
N ARG A 66 13.36 -14.43 -33.00
CA ARG A 66 12.64 -13.56 -33.90
C ARG A 66 11.70 -12.74 -33.03
N PHE A 67 11.56 -13.19 -31.79
CA PHE A 67 10.71 -12.52 -30.81
C PHE A 67 11.60 -11.74 -29.83
N SER A 68 11.20 -10.51 -29.52
CA SER A 68 11.97 -9.71 -28.57
C SER A 68 11.06 -8.70 -27.88
N GLY A 69 11.26 -8.55 -26.57
CA GLY A 69 10.46 -7.63 -25.79
C GLY A 69 11.26 -6.43 -25.32
N SER A 70 10.61 -5.27 -25.35
CA SER A 70 11.23 -4.02 -24.94
C SER A 70 10.21 -3.12 -24.28
N GLY A 71 10.68 -2.03 -23.68
CA GLY A 71 9.80 -1.09 -23.04
C GLY A 71 10.24 -0.65 -21.67
N SER A 72 9.51 0.29 -21.10
CA SER A 72 9.77 0.82 -19.75
C SER A 72 8.71 1.86 -19.40
N GLY A 73 8.37 1.93 -18.12
CA GLY A 73 7.36 2.88 -17.71
C GLY A 73 6.00 2.27 -17.87
N THR A 74 5.30 2.67 -18.91
CA THR A 74 3.95 2.16 -19.12
C THR A 74 3.73 1.56 -20.50
N ASP A 75 4.64 1.84 -21.42
CA ASP A 75 4.51 1.30 -22.77
C ASP A 75 5.45 0.15 -23.02
N PHE A 76 4.91 -0.94 -23.56
CA PHE A 76 5.70 -2.12 -23.84
C PHE A 76 5.44 -2.63 -25.25
N THR A 77 6.49 -3.15 -25.87
CA THR A 77 6.38 -3.62 -27.24
C THR A 77 6.97 -4.98 -27.51
N LEU A 78 6.23 -5.79 -28.26
CA LEU A 78 6.63 -7.13 -28.65
C LEU A 78 6.95 -7.10 -30.14
N LYS A 79 8.17 -7.46 -30.52
CA LYS A 79 8.52 -7.43 -31.93
C LYS A 79 8.82 -8.81 -32.48
N ILE A 80 8.35 -9.01 -33.72
CA ILE A 80 8.55 -10.24 -34.46
C ILE A 80 9.29 -9.78 -35.72
N SER A 81 10.58 -10.06 -35.78
CA SER A 81 11.37 -9.66 -36.94
C SER A 81 10.79 -10.18 -38.25
N ARG A 82 10.52 -11.49 -38.32
CA ARG A 82 9.94 -12.11 -39.52
C ARG A 82 8.86 -13.11 -39.14
N VAL A 83 7.62 -12.73 -39.36
CA VAL A 83 6.49 -13.58 -39.00
C VAL A 83 6.45 -14.91 -39.74
N GLU A 84 6.29 -15.99 -38.99
CA GLU A 84 6.20 -17.32 -39.57
C GLU A 84 4.83 -17.92 -39.26
N ALA A 85 4.40 -18.84 -40.11
CA ALA A 85 3.10 -19.49 -39.98
C ALA A 85 2.68 -19.87 -38.55
N GLU A 86 3.63 -20.41 -37.78
CA GLU A 86 3.37 -20.84 -36.41
C GLU A 86 3.19 -19.67 -35.43
N ASP A 87 3.41 -18.45 -35.92
CA ASP A 87 3.25 -17.29 -35.07
C ASP A 87 1.82 -16.78 -35.10
N LEU A 88 1.04 -17.30 -36.02
CA LEU A 88 -0.35 -16.87 -36.16
C LEU A 88 -1.19 -17.26 -34.95
N GLY A 89 -1.95 -16.29 -34.44
CA GLY A 89 -2.80 -16.51 -33.30
C GLY A 89 -3.08 -15.19 -32.58
N ILE A 90 -3.40 -15.27 -31.30
CA ILE A 90 -3.66 -14.07 -30.53
C ILE A 90 -2.57 -13.87 -29.51
N TYR A 91 -2.02 -12.66 -29.50
CA TYR A 91 -0.97 -12.30 -28.58
C TYR A 91 -1.56 -11.49 -27.45
N TYR A 92 -1.27 -11.92 -26.23
CA TYR A 92 -1.74 -11.28 -25.02
C TYR A 92 -0.57 -10.78 -24.17
N CYS A 93 -0.63 -9.54 -23.72
CA CYS A 93 0.41 -9.03 -22.84
C CYS A 93 -0.19 -9.18 -21.44
N PHE A 94 0.64 -9.16 -20.42
CA PHE A 94 0.14 -9.38 -19.08
C PHE A 94 1.14 -8.91 -18.04
N GLN A 95 0.60 -8.43 -16.92
CA GLN A 95 1.44 -7.96 -15.82
C GLN A 95 1.11 -8.72 -14.54
N GLY A 96 2.17 -9.19 -13.88
CA GLY A 96 2.00 -9.93 -12.66
C GLY A 96 2.69 -9.18 -11.53
N SER A 97 2.96 -7.89 -11.77
CA SER A 97 3.63 -7.06 -10.77
C SER A 97 2.72 -6.62 -9.61
N HIS A 98 1.42 -6.50 -9.85
CA HIS A 98 0.52 -6.09 -8.77
C HIS A 98 -0.79 -6.84 -8.83
N PHE A 99 -1.21 -7.33 -7.68
CA PHE A 99 -2.45 -8.08 -7.59
C PHE A 99 -3.67 -7.20 -7.83
N PRO A 100 -4.63 -7.69 -8.61
CA PRO A 100 -4.58 -9.00 -9.25
C PRO A 100 -3.85 -8.88 -10.57
N PRO A 101 -3.15 -9.94 -10.99
CA PRO A 101 -2.46 -9.83 -12.27
C PRO A 101 -3.53 -9.58 -13.33
N THR A 102 -3.15 -8.94 -14.43
CA THR A 102 -4.09 -8.61 -15.50
C THR A 102 -3.56 -8.82 -16.93
N PHE A 103 -4.48 -9.13 -17.84
CA PHE A 103 -4.13 -9.37 -19.26
C PHE A 103 -4.64 -8.28 -20.21
N GLY A 104 -3.92 -8.08 -21.32
CA GLY A 104 -4.35 -7.10 -22.29
C GLY A 104 -5.51 -7.71 -23.06
N GLY A 105 -6.13 -6.92 -23.93
CA GLY A 105 -7.26 -7.42 -24.70
C GLY A 105 -6.90 -8.37 -25.81
N GLY A 106 -5.62 -8.45 -26.14
CA GLY A 106 -5.17 -9.34 -27.21
C GLY A 106 -5.06 -8.66 -28.56
N THR A 107 -4.13 -9.15 -29.38
CA THR A 107 -3.91 -8.63 -30.72
C THR A 107 -3.86 -9.87 -31.60
N LYS A 108 -4.74 -9.94 -32.59
CA LYS A 108 -4.78 -11.10 -33.49
C LYS A 108 -3.86 -10.98 -34.71
N LEU A 109 -2.69 -11.59 -34.61
CA LEU A 109 -1.73 -11.59 -35.70
C LEU A 109 -2.29 -12.56 -36.71
N GLU A 110 -2.55 -12.09 -37.92
CA GLU A 110 -3.11 -12.93 -38.98
C GLU A 110 -2.52 -12.61 -40.37
N ILE A 111 -2.73 -13.53 -41.31
CA ILE A 111 -2.23 -13.36 -42.66
C ILE A 111 -3.21 -12.58 -43.52
N LYS A 112 -2.69 -11.88 -44.52
CA LYS A 112 -3.54 -11.10 -45.42
C LYS A 112 -4.37 -12.02 -46.33
N GLU A 128 7.69 -31.09 -19.50
CA GLU A 128 7.45 -32.40 -18.95
C GLU A 128 6.26 -32.30 -17.98
N VAL A 129 6.14 -31.11 -17.38
CA VAL A 129 5.06 -30.81 -16.45
C VAL A 129 3.74 -30.74 -17.21
N GLN A 130 2.72 -31.41 -16.73
CA GLN A 130 1.44 -31.36 -17.41
C GLN A 130 0.26 -31.22 -16.45
N LEU A 131 -0.74 -30.48 -16.85
CA LEU A 131 -1.93 -30.29 -16.04
C LEU A 131 -3.15 -30.77 -16.81
N GLN A 132 -3.81 -31.78 -16.27
CA GLN A 132 -5.00 -32.35 -16.89
C GLN A 132 -6.29 -31.83 -16.28
N GLN A 133 -7.14 -31.21 -17.10
CA GLN A 133 -8.40 -30.68 -16.58
C GLN A 133 -9.55 -31.57 -17.01
N SER A 134 -10.58 -31.64 -16.17
CA SER A 134 -11.74 -32.45 -16.47
C SER A 134 -12.46 -31.97 -17.70
N GLY A 135 -13.33 -32.81 -18.22
CA GLY A 135 -14.07 -32.47 -19.42
C GLY A 135 -15.06 -31.32 -19.32
N PRO A 136 -15.58 -30.87 -20.47
CA PRO A 136 -16.55 -29.77 -20.50
C PRO A 136 -17.85 -30.06 -19.75
N GLU A 137 -18.44 -28.99 -19.25
CA GLU A 137 -19.66 -29.07 -18.47
C GLU A 137 -20.80 -28.23 -19.07
N LEU A 138 -21.96 -28.87 -19.21
CA LEU A 138 -23.12 -28.17 -19.72
C LEU A 138 -24.02 -28.06 -18.51
N LYS A 139 -24.25 -26.85 -18.03
CA LYS A 139 -25.09 -26.68 -16.87
C LYS A 139 -26.19 -25.66 -17.12
N LYS A 140 -27.10 -25.54 -16.15
CA LYS A 140 -28.21 -24.60 -16.19
C LYS A 140 -27.95 -23.61 -15.05
N PRO A 141 -28.37 -22.35 -15.23
CA PRO A 141 -28.15 -21.37 -14.17
C PRO A 141 -28.66 -21.87 -12.82
N GLY A 142 -27.88 -21.65 -11.77
CA GLY A 142 -28.30 -22.13 -10.47
C GLY A 142 -27.65 -23.44 -10.02
N GLU A 143 -27.15 -24.25 -10.95
CA GLU A 143 -26.50 -25.50 -10.56
C GLU A 143 -25.07 -25.28 -10.08
N THR A 144 -24.34 -26.36 -9.88
CA THR A 144 -22.96 -26.29 -9.41
C THR A 144 -22.01 -27.10 -10.30
N VAL A 145 -20.73 -26.74 -10.27
CA VAL A 145 -19.70 -27.44 -11.03
C VAL A 145 -18.43 -27.50 -10.22
N LYS A 146 -17.69 -28.58 -10.40
CA LYS A 146 -16.43 -28.76 -9.71
C LYS A 146 -15.46 -29.24 -10.78
N ILE A 147 -14.73 -28.30 -11.38
CA ILE A 147 -13.75 -28.63 -12.40
C ILE A 147 -12.50 -29.16 -11.71
N SER A 148 -11.84 -30.14 -12.32
CA SER A 148 -10.64 -30.71 -11.75
C SER A 148 -9.42 -30.40 -12.60
N CYS A 149 -8.24 -30.49 -11.96
CA CYS A 149 -6.98 -30.21 -12.59
C CYS A 149 -5.90 -31.08 -11.96
N LYS A 150 -5.48 -32.15 -12.65
CA LYS A 150 -4.46 -33.03 -12.10
C LYS A 150 -3.02 -32.72 -12.51
N ALA A 151 -2.24 -32.33 -11.51
CA ALA A 151 -0.83 -31.99 -11.69
C ALA A 151 0.01 -33.25 -11.81
N THR A 152 0.94 -33.23 -12.76
CA THR A 152 1.85 -34.33 -13.02
C THR A 152 3.29 -33.85 -13.27
N ASN A 153 4.24 -34.67 -12.85
CA ASN A 153 5.67 -34.42 -13.01
C ASN A 153 6.26 -33.28 -12.23
N TYR A 154 5.66 -32.96 -11.08
CA TYR A 154 6.19 -31.95 -10.21
C TYR A 154 5.52 -32.11 -8.85
N ALA A 155 6.25 -31.76 -7.79
CA ALA A 155 5.71 -31.88 -6.44
C ALA A 155 4.50 -30.98 -6.27
N PHE A 156 3.33 -31.58 -6.36
CA PHE A 156 2.06 -30.86 -6.22
C PHE A 156 2.05 -29.82 -5.09
N THR A 157 2.64 -30.16 -3.95
CA THR A 157 2.65 -29.26 -2.81
C THR A 157 3.75 -28.18 -2.84
N ASP A 158 4.65 -28.28 -3.82
CA ASP A 158 5.72 -27.31 -3.93
C ASP A 158 5.23 -25.95 -4.39
N TYR A 159 4.53 -25.94 -5.51
CA TYR A 159 4.01 -24.69 -6.06
C TYR A 159 2.53 -24.56 -5.77
N SER A 160 2.00 -23.39 -6.08
CA SER A 160 0.59 -23.13 -5.88
C SER A 160 -0.15 -23.41 -7.21
N MET A 161 -1.47 -23.32 -7.16
CA MET A 161 -2.27 -23.51 -8.37
C MET A 161 -3.10 -22.25 -8.65
N HIS A 162 -3.00 -21.72 -9.86
CA HIS A 162 -3.73 -20.50 -10.24
C HIS A 162 -4.90 -20.89 -11.12
N TRP A 163 -5.88 -19.99 -11.23
CA TRP A 163 -7.03 -20.23 -12.07
C TRP A 163 -7.39 -18.99 -12.88
N VAL A 164 -7.31 -19.12 -14.19
CA VAL A 164 -7.64 -18.02 -15.08
C VAL A 164 -8.91 -18.32 -15.82
N LYS A 165 -9.76 -17.30 -15.91
CA LYS A 165 -11.03 -17.41 -16.60
C LYS A 165 -10.93 -16.76 -17.99
N GLN A 166 -11.40 -17.46 -19.01
CA GLN A 166 -11.40 -16.88 -20.35
C GLN A 166 -12.84 -16.88 -20.85
N ALA A 167 -13.40 -15.67 -20.95
CA ALA A 167 -14.77 -15.48 -21.39
C ALA A 167 -14.95 -15.88 -22.84
N PRO A 168 -16.20 -16.05 -23.28
CA PRO A 168 -16.49 -16.44 -24.66
C PRO A 168 -15.85 -15.46 -25.66
N GLY A 169 -15.71 -14.20 -25.26
CA GLY A 169 -15.10 -13.21 -26.13
C GLY A 169 -13.59 -13.37 -26.26
N GLY A 170 -12.96 -14.05 -25.31
CA GLY A 170 -11.52 -14.24 -25.36
C GLY A 170 -10.78 -13.60 -24.19
N ASP A 171 -11.48 -12.69 -23.49
CA ASP A 171 -10.91 -11.99 -22.34
C ASP A 171 -10.38 -12.93 -21.26
N LEU A 172 -9.25 -12.56 -20.66
CA LEU A 172 -8.64 -13.37 -19.61
C LEU A 172 -8.73 -12.70 -18.25
N LYS A 173 -9.13 -13.44 -17.22
CA LYS A 173 -9.24 -12.85 -15.89
C LYS A 173 -8.70 -13.74 -14.81
N TYR A 174 -7.93 -13.16 -13.89
CA TYR A 174 -7.38 -13.95 -12.79
C TYR A 174 -8.50 -14.31 -11.81
N VAL A 175 -8.74 -15.59 -11.58
CA VAL A 175 -9.79 -15.99 -10.64
C VAL A 175 -9.20 -16.00 -9.24
N GLY A 176 -7.98 -16.51 -9.13
CA GLY A 176 -7.30 -16.60 -7.85
C GLY A 176 -6.34 -17.79 -7.82
N TRP A 177 -5.82 -18.08 -6.64
CA TRP A 177 -4.90 -19.20 -6.50
C TRP A 177 -5.14 -19.87 -5.15
N ILE A 178 -4.48 -20.99 -4.95
CA ILE A 178 -4.62 -21.71 -3.71
C ILE A 178 -3.28 -22.29 -3.29
N ASN A 179 -2.97 -22.12 -2.00
CA ASN A 179 -1.74 -22.63 -1.42
C ASN A 179 -1.89 -24.15 -1.36
N THR A 180 -1.08 -24.87 -2.13
CA THR A 180 -1.19 -26.32 -2.16
C THR A 180 -0.60 -26.96 -0.91
N GLU A 181 0.00 -26.13 -0.05
CA GLU A 181 0.62 -26.62 1.17
C GLU A 181 -0.26 -26.35 2.38
N THR A 182 -0.95 -25.21 2.36
CA THR A 182 -1.82 -24.81 3.48
C THR A 182 -3.30 -24.95 3.15
N ASP A 183 -3.60 -25.29 1.90
CA ASP A 183 -4.99 -25.45 1.48
C ASP A 183 -5.72 -24.13 1.72
N GLU A 184 -4.97 -23.04 1.63
CA GLU A 184 -5.51 -21.70 1.82
C GLU A 184 -5.77 -21.01 0.46
N PRO A 185 -7.03 -20.64 0.17
CA PRO A 185 -7.32 -19.98 -1.11
C PRO A 185 -7.27 -18.46 -1.00
N THR A 186 -7.04 -17.82 -2.13
CA THR A 186 -6.99 -16.37 -2.23
C THR A 186 -7.64 -16.05 -3.56
N PHE A 187 -8.66 -15.20 -3.53
CA PHE A 187 -9.38 -14.84 -4.74
C PHE A 187 -9.28 -13.37 -5.11
N ALA A 188 -9.42 -13.10 -6.41
CA ALA A 188 -9.43 -11.74 -6.90
C ALA A 188 -10.87 -11.33 -6.62
N ASP A 189 -11.08 -10.07 -6.25
CA ASP A 189 -12.39 -9.54 -5.89
C ASP A 189 -13.58 -10.01 -6.71
N ASP A 190 -13.43 -10.12 -8.02
CA ASP A 190 -14.57 -10.54 -8.82
C ASP A 190 -14.85 -12.03 -8.77
N PHE A 191 -14.25 -12.73 -7.80
CA PHE A 191 -14.46 -14.16 -7.67
C PHE A 191 -14.58 -14.58 -6.22
N LYS A 192 -14.65 -13.59 -5.34
CA LYS A 192 -14.79 -13.84 -3.92
C LYS A 192 -15.99 -14.76 -3.75
N GLY A 193 -17.17 -14.16 -3.84
CA GLY A 193 -18.42 -14.87 -3.66
C GLY A 193 -18.69 -16.34 -3.93
N ARG A 194 -19.00 -16.68 -5.18
CA ARG A 194 -19.39 -18.04 -5.51
C ARG A 194 -18.36 -19.06 -5.98
N PHE A 195 -17.09 -18.70 -5.89
CA PHE A 195 -16.01 -19.60 -6.33
C PHE A 195 -15.27 -20.14 -5.13
N ALA A 196 -14.88 -21.42 -5.22
CA ALA A 196 -14.15 -22.07 -4.14
C ALA A 196 -13.04 -22.99 -4.63
N PHE A 197 -11.88 -22.91 -3.99
CA PHE A 197 -10.74 -23.75 -4.34
C PHE A 197 -10.59 -24.87 -3.32
N SER A 198 -10.19 -26.04 -3.79
CA SER A 198 -9.99 -27.19 -2.92
C SER A 198 -8.90 -28.06 -3.53
N LEU A 199 -8.57 -29.17 -2.89
CA LEU A 199 -7.55 -30.05 -3.43
C LEU A 199 -7.50 -31.43 -2.78
N ASP A 200 -6.88 -32.37 -3.49
CA ASP A 200 -6.70 -33.73 -3.02
C ASP A 200 -5.23 -34.06 -3.28
N THR A 201 -4.36 -33.65 -2.36
CA THR A 201 -2.92 -33.87 -2.52
C THR A 201 -2.64 -35.34 -2.72
N SER A 202 -3.61 -36.15 -2.33
CA SER A 202 -3.51 -37.59 -2.47
C SER A 202 -3.40 -37.94 -3.95
N THR A 203 -4.29 -37.37 -4.74
CA THR A 203 -4.29 -37.61 -6.17
C THR A 203 -3.65 -36.43 -6.94
N SER A 204 -2.99 -35.53 -6.21
CA SER A 204 -2.32 -34.37 -6.80
C SER A 204 -3.26 -33.61 -7.71
N THR A 205 -4.43 -33.25 -7.17
CA THR A 205 -5.45 -32.56 -7.95
C THR A 205 -6.00 -31.29 -7.32
N ALA A 206 -6.15 -30.27 -8.13
CA ALA A 206 -6.70 -29.00 -7.65
C ALA A 206 -8.12 -28.89 -8.21
N PHE A 207 -9.03 -28.40 -7.40
CA PHE A 207 -10.40 -28.26 -7.85
C PHE A 207 -10.82 -26.79 -7.83
N LEU A 208 -11.85 -26.49 -8.60
CA LEU A 208 -12.45 -25.18 -8.67
C LEU A 208 -13.93 -25.51 -8.73
N GLN A 209 -14.69 -24.91 -7.84
CA GLN A 209 -16.12 -25.16 -7.81
C GLN A 209 -16.83 -23.85 -7.92
N ILE A 210 -17.85 -23.81 -8.77
CA ILE A 210 -18.62 -22.59 -8.90
C ILE A 210 -20.02 -22.97 -8.45
N ASN A 211 -20.58 -22.16 -7.55
CA ASN A 211 -21.91 -22.41 -7.04
C ASN A 211 -22.90 -21.39 -7.60
N ASN A 212 -24.17 -21.78 -7.68
CA ASN A 212 -25.24 -20.91 -8.19
C ASN A 212 -24.77 -20.27 -9.48
N LEU A 213 -24.50 -21.11 -10.47
CA LEU A 213 -24.01 -20.66 -11.77
C LEU A 213 -24.88 -19.60 -12.45
N LYS A 214 -24.22 -18.71 -13.17
CA LYS A 214 -24.91 -17.66 -13.91
C LYS A 214 -24.33 -17.63 -15.31
N ASN A 215 -25.11 -17.15 -16.28
CA ASN A 215 -24.65 -17.10 -17.66
C ASN A 215 -23.26 -16.48 -17.75
N GLU A 216 -22.99 -15.48 -16.91
CA GLU A 216 -21.70 -14.80 -16.88
C GLU A 216 -20.55 -15.78 -16.59
N ASP A 217 -20.89 -16.94 -16.03
CA ASP A 217 -19.87 -17.95 -15.72
C ASP A 217 -19.44 -18.79 -16.91
N THR A 218 -20.21 -18.75 -17.98
CA THR A 218 -19.85 -19.50 -19.17
C THR A 218 -18.47 -19.01 -19.66
N ALA A 219 -17.48 -19.89 -19.62
CA ALA A 219 -16.14 -19.55 -20.04
C ALA A 219 -15.28 -20.79 -19.93
N THR A 220 -14.04 -20.68 -20.38
CA THR A 220 -13.10 -21.79 -20.28
C THR A 220 -12.22 -21.42 -19.11
N TYR A 221 -12.10 -22.32 -18.16
CA TYR A 221 -11.29 -22.06 -16.99
C TYR A 221 -10.03 -22.87 -17.11
N PHE A 222 -8.88 -22.23 -16.89
CA PHE A 222 -7.63 -22.94 -16.95
C PHE A 222 -6.97 -22.90 -15.61
N CYS A 223 -6.31 -23.99 -15.24
CA CYS A 223 -5.55 -23.97 -14.02
C CYS A 223 -4.15 -23.66 -14.55
N VAL A 224 -3.41 -22.85 -13.81
CA VAL A 224 -2.08 -22.47 -14.24
C VAL A 224 -1.05 -22.60 -13.14
N ARG A 225 0.17 -22.93 -13.52
CA ARG A 225 1.24 -23.04 -12.55
C ARG A 225 2.29 -22.00 -12.90
N ASP A 226 2.73 -21.26 -11.88
CA ASP A 226 3.75 -20.22 -12.06
C ASP A 226 5.14 -20.78 -11.84
N ARG A 227 6.13 -19.92 -12.06
CA ARG A 227 7.52 -20.27 -11.88
C ARG A 227 8.21 -18.97 -11.50
N HIS A 228 7.60 -18.27 -10.54
CA HIS A 228 8.09 -16.98 -10.07
C HIS A 228 9.53 -16.91 -9.58
N ASP A 229 10.01 -17.96 -8.93
CA ASP A 229 11.39 -17.97 -8.45
C ASP A 229 12.34 -17.86 -9.64
N TYR A 230 11.77 -18.08 -10.83
CA TYR A 230 12.49 -18.02 -12.10
C TYR A 230 12.15 -16.70 -12.80
N GLY A 231 11.16 -15.99 -12.26
CA GLY A 231 10.74 -14.72 -12.83
C GLY A 231 9.59 -14.85 -13.82
N GLU A 232 9.21 -16.09 -14.11
CA GLU A 232 8.13 -16.38 -15.06
C GLU A 232 6.82 -16.60 -14.33
N ILE A 233 5.75 -16.00 -14.82
CA ILE A 233 4.44 -16.18 -14.22
C ILE A 233 3.54 -16.89 -15.21
N PHE A 234 2.90 -17.98 -14.78
CA PHE A 234 2.00 -18.71 -15.65
C PHE A 234 2.76 -19.32 -16.81
N THR A 235 3.63 -20.27 -16.50
CA THR A 235 4.40 -20.93 -17.53
C THR A 235 3.80 -22.28 -17.91
N TYR A 236 2.90 -22.78 -17.07
CA TYR A 236 2.25 -24.06 -17.34
C TYR A 236 0.74 -23.98 -17.20
N TRP A 237 0.04 -24.28 -18.28
CA TRP A 237 -1.41 -24.22 -18.32
C TRP A 237 -2.09 -25.57 -18.61
N GLY A 238 -3.28 -25.76 -18.08
CA GLY A 238 -4.00 -26.99 -18.35
C GLY A 238 -4.66 -26.75 -19.69
N GLN A 239 -5.26 -27.76 -20.30
CA GLN A 239 -5.88 -27.52 -21.59
C GLN A 239 -7.07 -26.62 -21.41
N GLY A 240 -7.53 -26.47 -20.16
CA GLY A 240 -8.68 -25.63 -19.87
C GLY A 240 -9.97 -26.43 -19.82
N THR A 241 -10.99 -25.90 -19.16
CA THR A 241 -12.26 -26.61 -19.12
C THR A 241 -13.34 -25.64 -19.49
N THR A 242 -14.25 -26.09 -20.33
CA THR A 242 -15.33 -25.22 -20.77
C THR A 242 -16.58 -25.43 -19.97
N VAL A 243 -17.08 -24.36 -19.37
CA VAL A 243 -18.31 -24.45 -18.60
C VAL A 243 -19.30 -23.63 -19.39
N THR A 244 -20.32 -24.30 -19.91
CA THR A 244 -21.36 -23.64 -20.70
C THR A 244 -22.63 -23.54 -19.87
N VAL A 245 -22.97 -22.34 -19.41
CA VAL A 245 -24.18 -22.16 -18.62
C VAL A 245 -25.33 -21.74 -19.51
N SER A 246 -26.13 -22.72 -19.95
CA SER A 246 -27.26 -22.42 -20.82
C SER A 246 -28.60 -22.54 -20.14
N SER A 247 -29.44 -21.54 -20.39
CA SER A 247 -30.78 -21.45 -19.81
C SER A 247 -31.78 -22.44 -20.46
N ASP B 1 -11.15 12.04 18.27
CA ASP B 1 -12.10 11.09 17.62
C ASP B 1 -11.39 9.80 17.21
N ILE B 2 -10.53 9.88 16.18
CA ILE B 2 -9.81 8.72 15.68
C ILE B 2 -8.73 8.23 16.64
N LEU B 3 -8.92 7.03 17.17
CA LEU B 3 -7.98 6.45 18.12
C LEU B 3 -6.81 5.72 17.48
N MET B 4 -5.60 6.13 17.84
CA MET B 4 -4.40 5.51 17.32
C MET B 4 -3.86 4.57 18.39
N THR B 5 -3.85 3.28 18.09
CA THR B 5 -3.38 2.27 19.04
C THR B 5 -2.05 1.68 18.60
N GLN B 6 -1.04 1.80 19.46
CA GLN B 6 0.30 1.31 19.16
C GLN B 6 0.64 -0.02 19.81
N THR B 7 1.42 -0.83 19.10
CA THR B 7 1.83 -2.15 19.58
C THR B 7 3.32 -2.32 19.33
N PRO B 8 4.09 -2.62 20.38
CA PRO B 8 3.71 -2.81 21.79
C PRO B 8 3.89 -1.56 22.64
N LEU B 9 3.66 -1.72 23.94
CA LEU B 9 3.81 -0.62 24.87
C LEU B 9 5.31 -0.45 25.02
N TYR B 10 6.00 -1.57 25.24
CA TYR B 10 7.45 -1.58 25.39
C TYR B 10 8.07 -2.48 24.35
N LEU B 11 9.28 -2.13 23.93
CA LEU B 11 9.98 -2.91 22.92
C LEU B 11 11.44 -3.03 23.30
N PRO B 12 11.79 -4.15 23.94
CA PRO B 12 13.19 -4.31 24.34
C PRO B 12 14.01 -4.92 23.20
N VAL B 13 15.11 -4.27 22.88
CA VAL B 13 15.97 -4.77 21.85
C VAL B 13 17.42 -4.64 22.30
N SER B 14 18.30 -5.18 21.48
CA SER B 14 19.73 -5.13 21.73
C SER B 14 20.22 -4.31 20.56
N LEU B 15 21.15 -3.39 20.80
CA LEU B 15 21.69 -2.59 19.72
C LEU B 15 21.96 -3.50 18.53
N GLY B 16 21.32 -3.20 17.39
CA GLY B 16 21.53 -4.02 16.21
C GLY B 16 20.34 -4.82 15.74
N ASP B 17 19.37 -5.07 16.62
CA ASP B 17 18.19 -5.84 16.24
C ASP B 17 17.24 -5.06 15.33
N GLN B 18 16.29 -5.79 14.75
CA GLN B 18 15.29 -5.18 13.88
C GLN B 18 14.18 -4.82 14.85
N ALA B 19 13.51 -3.70 14.59
CA ALA B 19 12.41 -3.26 15.44
C ALA B 19 11.21 -2.92 14.57
N SER B 20 10.02 -3.28 15.05
CA SER B 20 8.79 -3.00 14.34
C SER B 20 7.76 -2.53 15.33
N ILE B 21 7.09 -1.45 14.98
CA ILE B 21 6.07 -0.89 15.84
C ILE B 21 4.82 -0.69 15.00
N SER B 22 3.71 -1.27 15.42
CA SER B 22 2.46 -1.13 14.68
C SER B 22 1.56 -0.10 15.34
N CYS B 23 0.63 0.41 14.55
CA CYS B 23 -0.31 1.44 15.00
C CYS B 23 -1.58 1.27 14.20
N ARG B 24 -2.70 1.10 14.90
CA ARG B 24 -4.00 0.93 14.24
C ARG B 24 -4.89 2.12 14.53
N SER B 25 -5.59 2.60 13.51
CA SER B 25 -6.49 3.74 13.65
C SER B 25 -7.94 3.30 13.55
N SER B 26 -8.74 3.75 14.50
CA SER B 26 -10.15 3.40 14.54
C SER B 26 -10.92 3.73 13.26
N GLN B 27 -10.32 4.51 12.37
CA GLN B 27 -10.98 4.88 11.11
C GLN B 27 -9.97 5.09 10.01
N THR B 28 -10.42 5.08 8.76
CA THR B 28 -9.50 5.32 7.65
C THR B 28 -8.95 6.71 7.89
N ILE B 29 -7.71 6.93 7.47
CA ILE B 29 -7.12 8.24 7.67
C ILE B 29 -6.66 8.83 6.34
N VAL B 30 -7.55 8.82 5.37
CA VAL B 30 -7.25 9.39 4.07
C VAL B 30 -7.93 10.73 4.00
N HIS B 31 -7.14 11.78 4.17
CA HIS B 31 -7.69 13.12 4.09
C HIS B 31 -8.41 13.18 2.73
N ASN B 32 -9.42 14.02 2.64
CA ASN B 32 -10.19 14.15 1.43
C ASN B 32 -9.36 14.54 0.20
N ASN B 33 -8.14 15.04 0.42
CA ASN B 33 -7.29 15.41 -0.70
C ASN B 33 -6.53 14.21 -1.26
N GLY B 34 -6.83 13.02 -0.76
CA GLY B 34 -6.17 11.82 -1.25
C GLY B 34 -4.85 11.47 -0.57
N ASN B 35 -4.46 12.26 0.42
CA ASN B 35 -3.22 11.99 1.16
C ASN B 35 -3.50 11.39 2.52
N THR B 36 -2.73 10.38 2.89
CA THR B 36 -2.89 9.75 4.18
C THR B 36 -1.78 10.31 5.05
N TYR B 37 -2.16 11.17 6.00
CA TYR B 37 -1.20 11.79 6.88
C TYR B 37 -0.85 10.98 8.11
N LEU B 38 -0.25 9.81 7.89
CA LEU B 38 0.18 8.99 9.01
C LEU B 38 1.62 9.47 9.23
N GLU B 39 2.02 9.58 10.49
CA GLU B 39 3.35 10.05 10.79
C GLU B 39 3.93 9.40 12.04
N TRP B 40 5.25 9.24 12.05
CA TRP B 40 5.95 8.64 13.18
C TRP B 40 6.97 9.57 13.85
N TYR B 41 6.83 9.72 15.16
CA TYR B 41 7.70 10.59 15.94
C TYR B 41 8.52 9.83 16.95
N LEU B 42 9.74 10.30 17.14
CA LEU B 42 10.63 9.72 18.14
C LEU B 42 10.89 10.84 19.15
N GLN B 43 10.62 10.57 20.42
CA GLN B 43 10.84 11.55 21.48
C GLN B 43 11.82 11.03 22.50
N LYS B 44 12.80 11.84 22.83
CA LYS B 44 13.79 11.45 23.83
C LYS B 44 13.47 12.19 25.11
N PRO B 45 13.76 11.57 26.25
CA PRO B 45 13.54 12.12 27.59
C PRO B 45 13.88 13.61 27.75
N GLY B 46 12.90 14.38 28.16
CA GLY B 46 13.08 15.80 28.36
C GLY B 46 12.92 16.62 27.11
N GLN B 47 13.07 16.00 25.94
CA GLN B 47 12.95 16.73 24.68
C GLN B 47 11.56 16.64 24.08
N SER B 48 11.41 17.26 22.92
CA SER B 48 10.15 17.25 22.20
C SER B 48 10.25 16.21 21.10
N PRO B 49 9.11 15.84 20.51
CA PRO B 49 9.08 14.85 19.43
C PRO B 49 9.92 15.28 18.24
N GLN B 50 10.29 14.28 17.44
CA GLN B 50 11.08 14.48 16.22
C GLN B 50 10.32 13.76 15.09
N LEU B 51 9.87 14.51 14.10
CA LEU B 51 9.14 13.91 12.98
C LEU B 51 10.11 12.99 12.22
N LEU B 52 9.74 11.73 12.07
CA LEU B 52 10.60 10.77 11.36
C LEU B 52 10.04 10.35 10.01
N ILE B 53 8.81 9.84 10.04
CA ILE B 53 8.10 9.39 8.84
C ILE B 53 6.81 10.17 8.71
N TYR B 54 6.48 10.55 7.48
CA TYR B 54 5.27 11.29 7.23
C TYR B 54 4.64 10.75 5.96
N LYS B 55 3.34 10.98 5.80
CA LYS B 55 2.61 10.47 4.64
C LYS B 55 2.93 8.97 4.50
N VAL B 56 2.80 8.26 5.62
CA VAL B 56 3.02 6.81 5.75
C VAL B 56 4.42 6.29 5.52
N SER B 57 4.93 6.40 4.30
CA SER B 57 6.25 5.85 4.00
C SER B 57 7.38 6.84 3.67
N ASN B 58 7.20 8.12 3.98
CA ASN B 58 8.23 9.12 3.66
C ASN B 58 9.16 9.52 4.80
N ARG B 59 10.46 9.36 4.54
CA ARG B 59 11.47 9.72 5.52
C ARG B 59 11.65 11.23 5.55
N PHE B 60 11.70 11.78 6.74
CA PHE B 60 11.88 13.21 6.88
C PHE B 60 13.35 13.48 6.69
N SER B 61 13.67 14.68 6.22
CA SER B 61 15.05 15.07 5.99
C SER B 61 15.95 14.70 7.17
N GLY B 62 17.10 14.08 6.87
CA GLY B 62 18.03 13.71 7.93
C GLY B 62 17.84 12.34 8.51
N VAL B 63 16.63 11.79 8.36
CA VAL B 63 16.32 10.46 8.86
C VAL B 63 16.96 9.38 7.99
N PRO B 64 17.78 8.49 8.60
CA PRO B 64 18.46 7.39 7.90
C PRO B 64 17.49 6.34 7.38
N ASP B 65 17.89 5.62 6.35
CA ASP B 65 17.05 4.59 5.73
C ASP B 65 16.81 3.37 6.60
N ARG B 66 17.40 3.36 7.80
CA ARG B 66 17.19 2.23 8.70
C ARG B 66 15.72 2.29 9.12
N PHE B 67 15.12 3.45 8.89
CA PHE B 67 13.73 3.68 9.22
C PHE B 67 12.89 3.62 7.94
N SER B 68 11.74 2.97 8.02
CA SER B 68 10.84 2.88 6.87
C SER B 68 9.40 2.69 7.33
N GLY B 69 8.49 3.42 6.68
CA GLY B 69 7.09 3.33 7.02
C GLY B 69 6.25 2.65 5.95
N SER B 70 5.36 1.77 6.38
CA SER B 70 4.49 1.05 5.47
C SER B 70 3.08 0.97 6.04
N GLY B 71 2.12 0.50 5.26
CA GLY B 71 0.76 0.38 5.75
C GLY B 71 -0.30 0.92 4.80
N SER B 72 -1.56 0.67 5.15
CA SER B 72 -2.70 1.11 4.35
C SER B 72 -3.98 0.66 5.06
N GLY B 73 -5.03 1.44 4.90
CA GLY B 73 -6.28 1.11 5.57
C GLY B 73 -6.29 1.57 7.02
N THR B 74 -6.08 0.64 7.94
CA THR B 74 -6.07 1.00 9.36
C THR B 74 -4.81 0.58 10.12
N ASP B 75 -4.02 -0.31 9.52
CA ASP B 75 -2.79 -0.78 10.16
C ASP B 75 -1.53 -0.19 9.55
N PHE B 76 -0.68 0.38 10.41
CA PHE B 76 0.55 0.97 9.94
C PHE B 76 1.73 0.46 10.73
N THR B 77 2.87 0.35 10.07
CA THR B 77 4.05 -0.17 10.72
C THR B 77 5.35 0.59 10.46
N LEU B 78 6.07 0.85 11.55
CA LEU B 78 7.35 1.55 11.52
C LEU B 78 8.45 0.51 11.71
N LYS B 79 9.36 0.42 10.77
CA LYS B 79 10.43 -0.55 10.92
C LYS B 79 11.81 0.07 11.02
N ILE B 80 12.61 -0.49 11.92
CA ILE B 80 13.97 -0.06 12.13
C ILE B 80 14.80 -1.31 11.85
N SER B 81 15.50 -1.33 10.72
CA SER B 81 16.30 -2.50 10.34
C SER B 81 17.33 -2.88 11.40
N ARG B 82 18.07 -1.89 11.87
CA ARG B 82 19.08 -2.12 12.90
C ARG B 82 19.03 -0.98 13.91
N VAL B 83 18.54 -1.28 15.11
CA VAL B 83 18.43 -0.29 16.16
C VAL B 83 19.79 0.21 16.65
N GLU B 84 19.90 1.54 16.75
CA GLU B 84 21.11 2.18 17.20
C GLU B 84 20.81 3.00 18.45
N ALA B 85 21.82 3.17 19.29
CA ALA B 85 21.68 3.90 20.54
C ALA B 85 20.86 5.18 20.47
N GLU B 86 21.02 5.93 19.39
CA GLU B 86 20.29 7.19 19.26
C GLU B 86 18.82 6.99 18.92
N ASP B 87 18.42 5.74 18.68
CA ASP B 87 17.04 5.43 18.34
C ASP B 87 16.23 5.20 19.61
N LEU B 88 16.92 5.12 20.73
CA LEU B 88 16.24 4.88 21.97
C LEU B 88 15.36 6.05 22.42
N GLY B 89 14.10 5.73 22.72
CA GLY B 89 13.15 6.73 23.17
C GLY B 89 11.73 6.24 23.01
N ILE B 90 10.77 7.15 22.91
CA ILE B 90 9.37 6.78 22.73
C ILE B 90 8.90 7.11 21.32
N TYR B 91 8.39 6.11 20.62
CA TYR B 91 7.90 6.32 19.28
C TYR B 91 6.41 6.58 19.31
N TYR B 92 5.99 7.64 18.63
CA TYR B 92 4.58 8.03 18.56
C TYR B 92 4.12 8.06 17.11
N CYS B 93 2.99 7.43 16.84
CA CYS B 93 2.40 7.49 15.52
C CYS B 93 1.32 8.57 15.63
N PHE B 94 0.92 9.12 14.49
CA PHE B 94 -0.03 10.21 14.52
C PHE B 94 -0.72 10.40 13.17
N GLN B 95 -1.98 10.82 13.21
CA GLN B 95 -2.71 11.06 11.99
C GLN B 95 -3.16 12.51 11.94
N GLY B 96 -2.93 13.15 10.81
CA GLY B 96 -3.30 14.53 10.65
C GLY B 96 -4.31 14.61 9.52
N SER B 97 -4.88 13.46 9.17
CA SER B 97 -5.86 13.38 8.10
C SER B 97 -7.26 13.90 8.45
N HIS B 98 -7.64 13.82 9.73
CA HIS B 98 -8.94 14.34 10.15
C HIS B 98 -8.88 15.04 11.51
N PHE B 99 -9.48 16.22 11.55
CA PHE B 99 -9.51 17.01 12.77
C PHE B 99 -10.34 16.32 13.82
N PRO B 100 -9.85 16.29 15.06
CA PRO B 100 -8.57 16.86 15.46
C PRO B 100 -7.47 15.84 15.23
N PRO B 101 -6.26 16.29 14.87
CA PRO B 101 -5.19 15.32 14.66
C PRO B 101 -4.97 14.57 15.97
N THR B 102 -4.59 13.29 15.88
CA THR B 102 -4.39 12.48 17.10
C THR B 102 -3.10 11.65 17.14
N PHE B 103 -2.62 11.41 18.36
CA PHE B 103 -1.41 10.65 18.58
C PHE B 103 -1.65 9.27 19.20
N GLY B 104 -0.76 8.34 18.91
CA GLY B 104 -0.87 7.01 19.50
C GLY B 104 -0.39 7.11 20.93
N GLY B 105 -0.54 6.04 21.70
CA GLY B 105 -0.11 6.05 23.08
C GLY B 105 1.40 5.99 23.24
N GLY B 106 2.09 5.63 22.16
CA GLY B 106 3.54 5.57 22.21
C GLY B 106 4.12 4.20 22.51
N THR B 107 5.29 3.92 21.95
CA THR B 107 5.99 2.65 22.16
C THR B 107 7.40 2.99 22.62
N LYS B 108 7.77 2.53 23.81
CA LYS B 108 9.12 2.82 24.32
C LYS B 108 10.19 1.83 23.88
N LEU B 109 10.97 2.21 22.86
CA LEU B 109 12.04 1.38 22.36
C LEU B 109 13.18 1.51 23.37
N GLU B 110 13.59 0.38 23.95
CA GLU B 110 14.65 0.40 24.95
C GLU B 110 15.60 -0.79 24.81
N ILE B 111 16.73 -0.70 25.49
CA ILE B 111 17.72 -1.77 25.47
C ILE B 111 17.46 -2.80 26.59
N LYS B 112 17.90 -4.03 26.37
CA LYS B 112 17.71 -5.10 27.33
C LYS B 112 18.62 -4.90 28.53
N GLU B 128 16.94 25.28 10.77
CA GLU B 128 17.33 26.66 11.02
C GLU B 128 16.20 27.36 11.75
N VAL B 129 14.98 26.85 11.53
CA VAL B 129 13.76 27.37 12.17
C VAL B 129 13.76 26.99 13.65
N GLN B 130 13.50 27.95 14.52
CA GLN B 130 13.47 27.62 15.94
C GLN B 130 12.30 28.30 16.65
N LEU B 131 11.75 27.61 17.64
CA LEU B 131 10.64 28.14 18.43
C LEU B 131 11.06 28.13 19.89
N GLN B 132 11.09 29.32 20.48
CA GLN B 132 11.47 29.50 21.87
C GLN B 132 10.25 29.69 22.75
N GLN B 133 10.10 28.83 23.75
CA GLN B 133 8.97 28.94 24.65
C GLN B 133 9.43 29.48 25.98
N SER B 134 8.53 30.19 26.66
CA SER B 134 8.86 30.76 27.96
C SER B 134 9.08 29.66 28.99
N GLY B 135 9.73 30.04 30.09
CA GLY B 135 10.06 29.11 31.17
C GLY B 135 8.88 28.47 31.86
N PRO B 136 9.15 27.44 32.69
CA PRO B 136 8.13 26.70 33.44
C PRO B 136 7.35 27.59 34.39
N GLU B 137 6.11 27.18 34.66
CA GLU B 137 5.21 27.91 35.54
C GLU B 137 4.63 27.01 36.64
N LEU B 138 4.73 27.48 37.88
CA LEU B 138 4.21 26.77 39.03
C LEU B 138 3.02 27.62 39.44
N LYS B 139 1.82 27.06 39.31
CA LYS B 139 0.61 27.79 39.66
C LYS B 139 -0.27 26.98 40.58
N LYS B 140 -1.30 27.66 41.08
CA LYS B 140 -2.25 27.04 41.98
C LYS B 140 -3.56 27.00 41.21
N PRO B 141 -4.42 26.03 41.52
CA PRO B 141 -5.69 25.96 40.80
C PRO B 141 -6.44 27.27 40.87
N GLY B 142 -6.99 27.68 39.73
CA GLY B 142 -7.74 28.93 39.69
C GLY B 142 -6.99 30.10 39.11
N GLU B 143 -5.66 30.04 39.11
CA GLU B 143 -4.86 31.12 38.56
C GLU B 143 -4.84 31.12 37.04
N THR B 144 -4.00 31.97 36.46
CA THR B 144 -3.88 32.07 35.01
C THR B 144 -2.43 31.96 34.56
N VAL B 145 -2.24 31.55 33.31
CA VAL B 145 -0.91 31.44 32.72
C VAL B 145 -0.92 31.81 31.25
N LYS B 146 0.12 32.53 30.83
CA LYS B 146 0.26 32.95 29.44
C LYS B 146 1.65 32.49 29.00
N ILE B 147 1.69 31.33 28.36
CA ILE B 147 2.93 30.79 27.86
C ILE B 147 3.24 31.50 26.55
N SER B 148 4.52 31.71 26.28
CA SER B 148 4.91 32.37 25.04
C SER B 148 5.73 31.44 24.17
N CYS B 149 5.74 31.73 22.88
CA CYS B 149 6.47 30.95 21.90
C CYS B 149 6.99 31.89 20.82
N LYS B 150 8.29 32.14 20.82
CA LYS B 150 8.87 33.04 19.84
C LYS B 150 9.42 32.37 18.57
N ALA B 151 8.79 32.67 17.43
CA ALA B 151 9.19 32.13 16.15
C ALA B 151 10.40 32.88 15.58
N THR B 152 11.34 32.11 15.03
CA THR B 152 12.55 32.68 14.45
C THR B 152 12.90 31.97 13.15
N ASN B 153 13.50 32.74 12.24
CA ASN B 153 13.95 32.26 10.94
C ASN B 153 12.89 31.86 9.93
N TYR B 154 11.71 32.41 10.08
CA TYR B 154 10.67 32.15 9.12
C TYR B 154 9.63 33.24 9.27
N ALA B 155 8.92 33.55 8.18
CA ALA B 155 7.89 34.58 8.22
C ALA B 155 6.73 34.18 9.14
N PHE B 156 6.77 34.70 10.36
CA PHE B 156 5.76 34.41 11.38
C PHE B 156 4.33 34.35 10.85
N THR B 157 4.00 35.28 9.95
CA THR B 157 2.66 35.36 9.39
C THR B 157 2.38 34.41 8.21
N ASP B 158 3.40 33.71 7.76
CA ASP B 158 3.26 32.78 6.65
C ASP B 158 2.52 31.52 7.06
N TYR B 159 3.00 30.88 8.10
CA TYR B 159 2.41 29.65 8.63
C TYR B 159 1.62 29.92 9.89
N SER B 160 0.88 28.92 10.33
CA SER B 160 0.09 29.00 11.53
C SER B 160 0.88 28.43 12.69
N MET B 161 0.28 28.45 13.83
CA MET B 161 0.94 27.88 14.97
C MET B 161 -0.01 26.94 15.70
N HIS B 162 0.55 25.80 16.01
CA HIS B 162 -0.22 24.74 16.68
C HIS B 162 0.23 24.60 18.13
N TRP B 163 -0.62 23.97 18.92
CA TRP B 163 -0.29 23.80 20.32
C TRP B 163 -0.66 22.40 20.74
N VAL B 164 0.34 21.65 21.17
CA VAL B 164 0.12 20.29 21.61
C VAL B 164 0.33 20.19 23.12
N LYS B 165 -0.55 19.46 23.77
CA LYS B 165 -0.48 19.28 25.21
C LYS B 165 0.03 17.87 25.53
N GLN B 166 1.07 17.78 26.36
CA GLN B 166 1.59 16.48 26.75
C GLN B 166 1.43 16.33 28.27
N ALA B 167 0.48 15.47 28.65
CA ALA B 167 0.20 15.21 30.05
C ALA B 167 1.40 14.57 30.77
N PRO B 168 1.37 14.55 32.11
CA PRO B 168 2.44 13.98 32.92
C PRO B 168 2.71 12.53 32.52
N GLY B 169 1.67 11.84 32.06
CA GLY B 169 1.82 10.45 31.65
C GLY B 169 2.55 10.28 30.32
N GLY B 170 2.56 11.32 29.49
CA GLY B 170 3.21 11.24 28.20
C GLY B 170 2.25 11.42 27.04
N ASP B 171 0.96 11.28 27.31
CA ASP B 171 -0.07 11.44 26.29
C ASP B 171 0.00 12.78 25.60
N LEU B 172 -0.26 12.76 24.30
CA LEU B 172 -0.24 13.98 23.52
C LEU B 172 -1.64 14.32 23.04
N LYS B 173 -1.99 15.61 23.07
CA LYS B 173 -3.31 16.06 22.62
C LYS B 173 -3.27 17.37 21.87
N TYR B 174 -3.98 17.44 20.75
CA TYR B 174 -4.00 18.68 19.97
C TYR B 174 -4.84 19.71 20.72
N VAL B 175 -4.26 20.88 21.01
CA VAL B 175 -5.00 21.90 21.72
C VAL B 175 -5.74 22.73 20.69
N GLY B 176 -5.04 23.05 19.61
CA GLY B 176 -5.63 23.83 18.55
C GLY B 176 -4.55 24.60 17.85
N TRP B 177 -4.95 25.53 16.99
CA TRP B 177 -4.00 26.36 16.25
C TRP B 177 -4.56 27.76 16.13
N ILE B 178 -3.75 28.64 15.55
CA ILE B 178 -4.17 30.02 15.33
C ILE B 178 -3.59 30.51 14.00
N ASN B 179 -4.44 31.18 13.23
CA ASN B 179 -4.06 31.75 11.94
C ASN B 179 -3.20 32.95 12.32
N THR B 180 -1.93 32.91 11.92
CA THR B 180 -1.00 33.99 12.24
C THR B 180 -1.20 35.20 11.32
N GLU B 181 -2.12 35.07 10.37
CA GLU B 181 -2.42 36.15 9.44
C GLU B 181 -3.75 36.85 9.77
N THR B 182 -4.71 36.09 10.31
CA THR B 182 -6.02 36.64 10.68
C THR B 182 -6.20 36.74 12.20
N ASP B 183 -5.26 36.17 12.95
CA ASP B 183 -5.33 36.18 14.41
C ASP B 183 -6.58 35.39 14.87
N GLU B 184 -7.01 34.48 14.02
CA GLU B 184 -8.18 33.67 14.29
C GLU B 184 -7.81 32.33 14.90
N PRO B 185 -8.28 32.05 16.13
CA PRO B 185 -7.94 30.78 16.76
C PRO B 185 -8.97 29.70 16.45
N THR B 186 -8.55 28.45 16.48
CA THR B 186 -9.43 27.30 16.26
C THR B 186 -9.02 26.31 17.33
N PHE B 187 -9.98 25.80 18.09
CA PHE B 187 -9.65 24.86 19.15
C PHE B 187 -10.28 23.47 19.00
N ALA B 188 -9.60 22.47 19.53
CA ALA B 188 -10.15 21.13 19.51
C ALA B 188 -11.16 21.19 20.65
N ASP B 189 -12.27 20.48 20.53
CA ASP B 189 -13.31 20.48 21.55
C ASP B 189 -12.89 20.48 23.00
N ASP B 190 -11.92 19.65 23.37
CA ASP B 190 -11.50 19.59 24.77
C ASP B 190 -10.66 20.79 25.22
N PHE B 191 -10.64 21.86 24.42
CA PHE B 191 -9.86 23.03 24.77
C PHE B 191 -10.62 24.31 24.44
N LYS B 192 -11.88 24.13 24.04
CA LYS B 192 -12.74 25.26 23.70
C LYS B 192 -12.69 26.24 24.87
N GLY B 193 -13.40 25.87 25.91
CA GLY B 193 -13.52 26.66 27.14
C GLY B 193 -12.48 27.62 27.68
N ARG B 194 -11.54 27.13 28.48
CA ARG B 194 -10.57 28.02 29.15
C ARG B 194 -9.25 28.32 28.48
N PHE B 195 -9.09 27.92 27.23
CA PHE B 195 -7.85 28.18 26.53
C PHE B 195 -8.02 29.28 25.52
N ALA B 196 -6.98 30.10 25.36
CA ALA B 196 -7.01 31.23 24.43
C ALA B 196 -5.69 31.49 23.69
N PHE B 197 -5.76 31.66 22.37
CA PHE B 197 -4.58 31.93 21.56
C PHE B 197 -4.53 33.40 21.23
N SER B 198 -3.31 33.94 21.22
CA SER B 198 -3.10 35.34 20.88
C SER B 198 -1.75 35.43 20.21
N LEU B 199 -1.33 36.65 19.88
CA LEU B 199 -0.03 36.82 19.25
C LEU B 199 0.42 38.27 19.15
N ASP B 200 1.72 38.43 18.93
CA ASP B 200 2.38 39.72 18.79
C ASP B 200 3.30 39.59 17.58
N THR B 201 2.71 39.72 16.39
CA THR B 201 3.46 39.61 15.14
C THR B 201 4.67 40.55 15.16
N SER B 202 4.55 41.62 15.95
CA SER B 202 5.60 42.60 16.14
C SER B 202 6.89 41.89 16.59
N THR B 203 6.76 41.06 17.63
CA THR B 203 7.90 40.33 18.16
C THR B 203 7.90 38.90 17.65
N SER B 204 6.97 38.59 16.73
CA SER B 204 6.87 37.26 16.15
C SER B 204 6.69 36.24 17.26
N THR B 205 5.66 36.44 18.07
CA THR B 205 5.39 35.56 19.21
C THR B 205 3.95 35.08 19.33
N ALA B 206 3.78 33.79 19.55
CA ALA B 206 2.46 33.19 19.72
C ALA B 206 2.28 32.93 21.21
N PHE B 207 1.09 33.20 21.72
CA PHE B 207 0.83 32.97 23.12
C PHE B 207 -0.28 31.94 23.29
N LEU B 208 -0.30 31.35 24.47
CA LEU B 208 -1.32 30.40 24.87
C LEU B 208 -1.61 30.76 26.33
N GLN B 209 -2.86 31.05 26.61
CA GLN B 209 -3.26 31.41 27.96
C GLN B 209 -4.29 30.44 28.47
N ILE B 210 -4.11 30.00 29.71
CA ILE B 210 -5.07 29.08 30.30
C ILE B 210 -5.61 29.82 31.51
N ASN B 211 -6.94 29.90 31.58
CA ASN B 211 -7.61 30.59 32.68
C ASN B 211 -8.29 29.59 33.62
N ASN B 212 -8.39 29.98 34.89
CA ASN B 212 -9.01 29.12 35.89
C ASN B 212 -8.38 27.73 35.82
N LEU B 213 -7.06 27.69 36.00
CA LEU B 213 -6.32 26.43 35.93
C LEU B 213 -6.83 25.33 36.86
N LYS B 214 -6.69 24.09 36.40
CA LYS B 214 -7.10 22.89 37.12
C LYS B 214 -5.93 21.90 37.12
N ASN B 215 -5.93 20.98 38.06
CA ASN B 215 -4.84 20.01 38.11
C ASN B 215 -4.65 19.36 36.75
N GLU B 216 -5.76 19.04 36.08
CA GLU B 216 -5.75 18.41 34.76
C GLU B 216 -4.92 19.18 33.74
N ASP B 217 -4.70 20.46 33.98
CA ASP B 217 -3.93 21.26 33.04
C ASP B 217 -2.43 21.03 33.19
N THR B 218 -2.02 20.44 34.30
CA THR B 218 -0.61 20.20 34.51
C THR B 218 -0.10 19.38 33.34
N ALA B 219 0.77 19.97 32.53
CA ALA B 219 1.33 19.31 31.36
C ALA B 219 2.38 20.19 30.71
N THR B 220 3.08 19.64 29.72
CA THR B 220 4.04 20.43 29.00
C THR B 220 3.34 20.80 27.71
N TYR B 221 3.30 22.09 27.44
CA TYR B 221 2.67 22.60 26.25
C TYR B 221 3.75 22.98 25.24
N PHE B 222 3.60 22.50 24.01
CA PHE B 222 4.54 22.81 22.96
C PHE B 222 3.83 23.58 21.90
N CYS B 223 4.52 24.52 21.28
CA CYS B 223 3.94 25.20 20.16
C CYS B 223 4.61 24.47 19.00
N VAL B 224 3.86 24.20 17.98
CA VAL B 224 4.35 23.46 16.81
C VAL B 224 4.04 24.17 15.49
N ARG B 225 4.91 23.99 14.51
CA ARG B 225 4.72 24.59 13.21
C ARG B 225 4.64 23.45 12.21
N ASP B 226 3.64 23.49 11.35
CA ASP B 226 3.46 22.45 10.35
C ASP B 226 4.17 22.83 9.06
N ARG B 227 4.17 21.90 8.11
CA ARG B 227 4.77 22.10 6.80
C ARG B 227 3.93 21.31 5.80
N HIS B 228 2.61 21.42 5.96
CA HIS B 228 1.63 20.72 5.13
C HIS B 228 1.78 20.80 3.61
N ASP B 229 2.16 21.98 3.10
CA ASP B 229 2.34 22.13 1.67
C ASP B 229 3.40 21.15 1.18
N TYR B 230 4.16 20.65 2.15
CA TYR B 230 5.22 19.68 1.90
C TYR B 230 4.71 18.27 2.25
N GLY B 231 3.54 18.21 2.90
CA GLY B 231 2.95 16.95 3.30
C GLY B 231 3.31 16.55 4.73
N GLU B 232 4.15 17.35 5.36
CA GLU B 232 4.61 17.10 6.72
C GLU B 232 3.79 17.88 7.75
N ILE B 233 3.36 17.23 8.82
CA ILE B 233 2.59 17.91 9.86
C ILE B 233 3.39 17.91 11.16
N PHE B 234 3.60 19.09 11.73
CA PHE B 234 4.35 19.20 12.97
C PHE B 234 5.80 18.85 12.76
N THR B 235 6.49 19.64 11.97
CA THR B 235 7.89 19.36 11.72
C THR B 235 8.81 20.18 12.61
N TYR B 236 8.27 21.23 13.21
CA TYR B 236 9.05 22.10 14.08
C TYR B 236 8.34 22.32 15.41
N TRP B 237 9.02 21.94 16.49
CA TRP B 237 8.48 22.06 17.85
C TRP B 237 9.31 22.97 18.74
N GLY B 238 8.64 23.61 19.70
CA GLY B 238 9.36 24.44 20.66
C GLY B 238 9.85 23.44 21.70
N GLN B 239 10.69 23.88 22.64
CA GLN B 239 11.17 22.96 23.64
C GLN B 239 10.03 22.57 24.56
N GLY B 240 8.94 23.32 24.50
CA GLY B 240 7.81 23.01 25.34
C GLY B 240 7.88 23.75 26.66
N THR B 241 6.72 24.03 27.23
CA THR B 241 6.68 24.74 28.51
C THR B 241 5.90 23.89 29.49
N THR B 242 6.43 23.75 30.69
CA THR B 242 5.79 22.95 31.72
C THR B 242 4.96 23.78 32.67
N VAL B 243 3.67 23.46 32.70
CA VAL B 243 2.75 24.15 33.60
C VAL B 243 2.39 23.13 34.67
N THR B 244 2.80 23.43 35.90
CA THR B 244 2.55 22.57 37.03
C THR B 244 1.49 23.23 37.91
N VAL B 245 0.29 22.66 37.91
CA VAL B 245 -0.80 23.18 38.73
C VAL B 245 -0.88 22.41 40.05
N SER B 246 -0.24 22.95 41.09
CA SER B 246 -0.23 22.29 42.39
C SER B 246 -1.09 23.00 43.42
N SER B 247 -1.85 22.18 44.13
CA SER B 247 -2.75 22.65 45.16
C SER B 247 -1.99 23.06 46.41
N PRO C 1 7.55 -23.94 -4.58
CA PRO C 1 7.51 -22.70 -3.77
C PRO C 1 6.17 -22.01 -3.90
N GLN C 2 5.47 -21.85 -2.78
CA GLN C 2 4.17 -21.19 -2.77
C GLN C 2 4.30 -19.71 -3.17
N ILE C 3 3.51 -19.30 -4.16
CA ILE C 3 3.54 -17.93 -4.63
C ILE C 3 3.53 -16.90 -3.51
N THR C 4 4.40 -15.90 -3.64
CA THR C 4 4.45 -14.83 -2.66
C THR C 4 3.96 -13.60 -3.41
N LEU C 5 4.90 -12.82 -3.94
CA LEU C 5 4.60 -11.62 -4.70
C LEU C 5 3.36 -10.82 -4.26
N TRP C 6 2.18 -11.26 -4.70
CA TRP C 6 0.93 -10.56 -4.37
C TRP C 6 0.43 -10.70 -2.95
N PRO D 1 2.37 29.06 4.78
CA PRO D 1 0.92 28.96 4.53
C PRO D 1 0.18 28.49 5.77
N GLN D 2 -0.96 29.12 6.03
CA GLN D 2 -1.76 28.74 7.18
C GLN D 2 -2.23 27.31 6.92
N ILE D 3 -2.31 26.51 7.98
CA ILE D 3 -2.74 25.12 7.88
C ILE D 3 -4.08 24.98 7.16
N THR D 4 -4.09 24.25 6.05
CA THR D 4 -5.32 23.99 5.32
C THR D 4 -5.82 22.75 6.05
N LEU D 5 -6.81 22.03 5.50
CA LEU D 5 -7.34 20.82 6.14
C LEU D 5 -8.04 21.14 7.47
N TRP D 6 -8.70 20.15 8.03
CA TRP D 6 -9.40 20.30 9.30
C TRP D 6 -10.50 21.39 9.23
#